data_7BS5
#
_entry.id   7BS5
#
_cell.length_a   54.841
_cell.length_b   56.901
_cell.length_c   66.570
_cell.angle_alpha   90.000
_cell.angle_beta   90.000
_cell.angle_gamma   90.000
#
_symmetry.space_group_name_H-M   'P 21 21 21'
#
loop_
_entity.id
_entity.type
_entity.pdbx_description
1 polymer 'Cationic trypsin'
2 non-polymer 'CALCIUM ION'
3 non-polymer 2-(6-methoxy-1H-indol-3-yl)ethanamine
4 non-polymer 'DIMETHYL SULFOXIDE'
5 water water
#
_entity_poly.entity_id   1
_entity_poly.type   'polypeptide(L)'
_entity_poly.pdbx_seq_one_letter_code
;IVGGYTCGANTVPYQVSLNSGYHFCGGSLINSQWVVSAAHCYKSGIQVRLGEDNINVVEGNEQFISASKSIVHPSYNSNT
LNNDIMLIKLKSAASLNSRVASISLPTSCASAGTQCLISGWGNTKSSGTSYPDVLKCLKAPILSDSSCKSAYPGQITSNM
FCAGYLEGGKDSCQGDSGGPVVCSGKLQGIVSWGSGCAQKNKPGVYTKVCNYVSWIKQTIASN
;
_entity_poly.pdbx_strand_id   A
#
loop_
_chem_comp.id
_chem_comp.type
_chem_comp.name
_chem_comp.formula
CA non-polymer 'CALCIUM ION' 'Ca 2'
DMS non-polymer 'DIMETHYL SULFOXIDE' 'C2 H6 O S'
F5X non-polymer 2-(6-methoxy-1H-indol-3-yl)ethanamine 'C11 H14 N2 O'
#
# COMPACT_ATOMS: atom_id res chain seq x y z
N ILE A 1 5.92 5.85 7.48
CA ILE A 1 4.91 6.89 7.61
C ILE A 1 5.50 8.04 8.43
N VAL A 2 5.50 9.24 7.86
CA VAL A 2 5.99 10.43 8.55
C VAL A 2 4.80 11.22 9.06
N GLY A 3 4.85 11.62 10.34
CA GLY A 3 3.82 12.48 10.88
C GLY A 3 2.52 11.78 11.19
N GLY A 4 2.55 10.46 11.31
CA GLY A 4 1.39 9.63 11.59
C GLY A 4 1.32 9.25 13.06
N TYR A 5 0.71 8.10 13.32
CA TYR A 5 0.47 7.66 14.68
C TYR A 5 0.51 6.14 14.70
N THR A 6 0.68 5.59 15.89
CA THR A 6 0.66 4.13 16.04
C THR A 6 -0.77 3.63 15.86
N CYS A 7 -0.97 2.75 14.88
CA CYS A 7 -2.32 2.31 14.54
C CYS A 7 -3.01 1.67 15.74
N GLY A 8 -2.30 0.79 16.44
CA GLY A 8 -2.91 -0.14 17.37
C GLY A 8 -2.83 -1.55 16.81
N ALA A 9 -2.35 -2.50 17.60
CA ALA A 9 -2.07 -3.84 17.10
C ALA A 9 -3.28 -4.46 16.42
N ASN A 10 -3.08 -4.90 15.17
CA ASN A 10 -4.06 -5.67 14.41
C ASN A 10 -5.32 -4.89 14.08
N THR A 11 -5.31 -3.57 14.20
CA THR A 11 -6.46 -2.76 13.81
C THR A 11 -6.52 -2.52 12.31
N VAL A 12 -5.50 -2.93 11.57
CA VAL A 12 -5.43 -2.82 10.12
C VAL A 12 -5.19 -4.24 9.62
N PRO A 13 -6.18 -5.14 9.74
CA PRO A 13 -5.90 -6.57 9.63
C PRO A 13 -5.64 -7.06 8.21
N TYR A 14 -5.83 -6.21 7.22
CA TYR A 14 -5.49 -6.50 5.83
C TYR A 14 -4.06 -6.09 5.49
N GLN A 15 -3.36 -5.38 6.39
CA GLN A 15 -2.00 -4.95 6.10
C GLN A 15 -1.05 -6.12 6.20
N VAL A 16 -0.23 -6.32 5.18
CA VAL A 16 0.81 -7.35 5.22
C VAL A 16 2.19 -6.70 5.13
N SER A 17 3.18 -7.42 5.63
CA SER A 17 4.60 -7.11 5.45
C SER A 17 5.18 -8.14 4.49
N LEU A 18 5.88 -7.66 3.47
CA LEU A 18 6.63 -8.53 2.58
C LEU A 18 8.06 -8.62 3.09
N ASN A 19 8.55 -9.84 3.27
CA ASN A 19 9.82 -10.07 3.94
C ASN A 19 10.72 -10.92 3.04
N SER A 20 11.95 -10.43 2.83
CA SER A 20 12.96 -11.17 2.09
C SER A 20 14.21 -11.30 2.96
N GLY A 21 14.03 -11.72 4.21
CA GLY A 21 15.07 -11.64 5.22
C GLY A 21 14.94 -10.44 6.13
N TYR A 22 14.07 -9.50 5.76
CA TYR A 22 13.82 -8.23 6.40
C TYR A 22 12.57 -7.68 5.72
N HIS A 23 11.87 -6.81 6.42
CA HIS A 23 10.73 -6.12 5.82
C HIS A 23 11.20 -5.20 4.71
N PHE A 24 10.57 -5.28 3.53
CA PHE A 24 10.93 -4.39 2.44
C PHE A 24 9.76 -3.69 1.77
N CYS A 25 8.52 -4.12 2.00
CA CYS A 25 7.37 -3.49 1.37
C CYS A 25 6.12 -3.90 2.13
N GLY A 26 5.08 -3.09 1.97
CA GLY A 26 3.76 -3.48 2.42
C GLY A 26 2.94 -4.12 1.30
N GLY A 27 1.73 -4.50 1.67
CA GLY A 27 0.76 -5.07 0.73
C GLY A 27 -0.57 -5.17 1.45
N SER A 28 -1.59 -5.60 0.70
CA SER A 28 -2.95 -5.70 1.21
C SER A 28 -3.51 -7.06 0.88
N LEU A 29 -4.06 -7.74 1.88
CA LEU A 29 -4.70 -9.04 1.67
C LEU A 29 -6.10 -8.81 1.09
N ILE A 30 -6.35 -9.32 -0.12
CA ILE A 30 -7.63 -9.12 -0.78
C ILE A 30 -8.53 -10.34 -0.73
N ASN A 31 -8.00 -11.51 -0.44
CA ASN A 31 -8.77 -12.70 -0.09
C ASN A 31 -7.79 -13.66 0.56
N SER A 32 -8.24 -14.87 0.87
CA SER A 32 -7.39 -15.76 1.63
C SER A 32 -6.13 -16.19 0.89
N GLN A 33 -6.07 -15.99 -0.43
CA GLN A 33 -4.95 -16.49 -1.21
C GLN A 33 -4.14 -15.43 -1.95
N TRP A 34 -4.53 -14.14 -1.86
CA TRP A 34 -3.95 -13.15 -2.73
C TRP A 34 -3.67 -11.84 -2.01
N VAL A 35 -2.53 -11.23 -2.36
CA VAL A 35 -2.11 -9.94 -1.86
C VAL A 35 -1.90 -9.00 -3.03
N VAL A 36 -2.31 -7.75 -2.86
CA VAL A 36 -2.04 -6.68 -3.81
C VAL A 36 -0.90 -5.83 -3.25
N SER A 37 0.10 -5.56 -4.07
CA SER A 37 1.20 -4.69 -3.70
C SER A 37 1.56 -3.83 -4.90
N ALA A 38 2.66 -3.08 -4.78
CA ALA A 38 3.17 -2.28 -5.90
C ALA A 38 4.06 -3.14 -6.77
N ALA A 39 4.01 -2.91 -8.07
CA ALA A 39 4.94 -3.59 -8.98
C ALA A 39 6.38 -3.29 -8.62
N HIS A 40 6.68 -2.08 -8.13
CA HIS A 40 8.06 -1.78 -7.79
C HIS A 40 8.54 -2.56 -6.58
N CYS A 41 7.66 -3.26 -5.89
CA CYS A 41 8.02 -4.18 -4.82
C CYS A 41 8.38 -5.57 -5.31
N TYR A 42 8.31 -5.84 -6.62
CA TYR A 42 8.61 -7.18 -7.10
C TYR A 42 10.03 -7.59 -6.72
N LYS A 43 10.16 -8.82 -6.24
CA LYS A 43 11.45 -9.46 -6.08
C LYS A 43 11.20 -10.94 -5.87
N SER A 44 12.27 -11.71 -5.99
CA SER A 44 12.17 -13.13 -5.69
C SER A 44 12.32 -13.38 -4.19
N GLY A 45 11.86 -14.55 -3.76
CA GLY A 45 12.02 -14.97 -2.37
C GLY A 45 11.15 -14.24 -1.37
N ILE A 46 9.92 -13.93 -1.74
CA ILE A 46 9.03 -13.16 -0.87
C ILE A 46 8.33 -14.11 0.09
N GLN A 47 8.40 -13.78 1.38
CA GLN A 47 7.51 -14.37 2.38
C GLN A 47 6.50 -13.30 2.79
N VAL A 48 5.22 -13.64 2.72
CA VAL A 48 4.16 -12.74 3.16
C VAL A 48 3.94 -12.94 4.65
N ARG A 49 3.91 -11.83 5.38
CA ARG A 49 3.70 -11.90 6.82
C ARG A 49 2.40 -11.17 7.17
N LEU A 50 1.43 -11.93 7.65
CA LEU A 50 0.10 -11.47 7.98
C LEU A 50 -0.05 -11.41 9.50
N GLY A 51 -1.00 -10.60 9.96
CA GLY A 51 -1.25 -10.51 11.38
C GLY A 51 -0.16 -9.81 12.17
N GLU A 52 0.66 -9.00 11.52
CA GLU A 52 1.80 -8.37 12.18
C GLU A 52 1.41 -7.08 12.88
N ASP A 53 2.00 -6.86 14.05
CA ASP A 53 2.15 -5.51 14.57
C ASP A 53 3.62 -5.18 14.68
N ASN A 54 4.30 -5.64 15.73
CA ASN A 54 5.76 -5.49 15.80
C ASN A 54 6.40 -6.50 14.84
N ILE A 55 7.05 -6.01 13.79
CA ILE A 55 7.65 -6.91 12.81
C ILE A 55 8.93 -7.57 13.29
N ASN A 56 9.45 -7.19 14.44
CA ASN A 56 10.66 -7.80 15.00
C ASN A 56 10.39 -8.77 16.13
N VAL A 57 9.14 -8.95 16.55
CA VAL A 57 8.79 -9.81 17.68
C VAL A 57 7.64 -10.71 17.23
N VAL A 58 7.74 -12.01 17.53
CA VAL A 58 6.62 -12.91 17.30
C VAL A 58 5.65 -12.74 18.46
N GLU A 59 4.51 -12.11 18.19
CA GLU A 59 3.53 -11.76 19.22
C GLU A 59 2.37 -12.73 19.30
N GLY A 60 2.23 -13.64 18.34
CA GLY A 60 1.30 -14.75 18.46
C GLY A 60 0.11 -14.71 17.51
N ASN A 61 -0.04 -13.67 16.70
CA ASN A 61 -1.13 -13.60 15.75
C ASN A 61 -0.67 -13.67 14.30
N GLU A 62 0.61 -13.88 14.06
CA GLU A 62 1.17 -13.85 12.72
C GLU A 62 0.86 -15.14 11.96
N GLN A 63 0.78 -15.01 10.64
CA GLN A 63 0.90 -16.13 9.73
C GLN A 63 1.97 -15.79 8.71
N PHE A 64 2.95 -16.67 8.53
CA PHE A 64 4.04 -16.48 7.59
C PHE A 64 3.83 -17.47 6.45
N ILE A 65 3.63 -16.97 5.24
CA ILE A 65 3.30 -17.81 4.09
C ILE A 65 4.13 -17.36 2.90
N SER A 66 4.86 -18.30 2.29
CA SER A 66 5.66 -17.97 1.13
C SER A 66 4.78 -17.64 -0.07
N ALA A 67 5.28 -16.76 -0.93
CA ALA A 67 4.61 -16.53 -2.21
C ALA A 67 4.88 -17.70 -3.14
N SER A 68 3.85 -18.14 -3.85
CA SER A 68 4.02 -19.17 -4.87
C SER A 68 4.07 -18.60 -6.28
N LYS A 69 3.56 -17.40 -6.49
CA LYS A 69 3.54 -16.77 -7.80
C LYS A 69 3.40 -15.28 -7.59
N SER A 70 4.13 -14.50 -8.38
CA SER A 70 3.94 -13.06 -8.43
C SER A 70 3.56 -12.71 -9.86
N ILE A 71 2.65 -11.74 -10.00
CA ILE A 71 2.17 -11.30 -11.30
C ILE A 71 2.22 -9.78 -11.30
N VAL A 72 3.27 -9.23 -11.90
CA VAL A 72 3.37 -7.79 -12.12
C VAL A 72 2.44 -7.40 -13.27
N HIS A 73 1.81 -6.23 -13.14
CA HIS A 73 0.88 -5.80 -14.17
C HIS A 73 1.56 -5.82 -15.54
N PRO A 74 0.89 -6.33 -16.58
CA PRO A 74 1.55 -6.43 -17.89
C PRO A 74 2.06 -5.11 -18.42
N SER A 75 1.44 -4.00 -18.04
CA SER A 75 1.80 -2.69 -18.57
C SER A 75 2.63 -1.85 -17.61
N TYR A 76 3.13 -2.44 -16.52
CA TYR A 76 3.94 -1.67 -15.59
C TYR A 76 5.18 -1.12 -16.28
N ASN A 77 5.42 0.18 -16.09
CA ASN A 77 6.62 0.85 -16.60
C ASN A 77 7.39 1.35 -15.39
N SER A 78 8.57 0.77 -15.16
CA SER A 78 9.34 1.10 -13.98
C SER A 78 10.00 2.48 -14.04
N ASN A 79 10.05 3.10 -15.22
CA ASN A 79 10.62 4.44 -15.31
C ASN A 79 9.61 5.51 -14.92
N THR A 80 8.36 5.37 -15.36
CA THR A 80 7.32 6.34 -15.05
C THR A 80 6.45 5.91 -13.87
N LEU A 81 6.55 4.64 -13.46
CA LEU A 81 5.70 4.02 -12.45
C LEU A 81 4.23 3.94 -12.87
N ASN A 82 3.95 4.08 -14.15
CA ASN A 82 2.59 3.86 -14.61
C ASN A 82 2.24 2.38 -14.45
N ASN A 83 1.03 2.11 -13.95
CA ASN A 83 0.54 0.75 -13.68
C ASN A 83 1.34 0.04 -12.59
N ASP A 84 1.57 0.75 -11.48
CA ASP A 84 2.43 0.24 -10.41
C ASP A 84 1.60 -0.66 -9.48
N ILE A 85 1.34 -1.89 -9.95
CA ILE A 85 0.52 -2.84 -9.21
C ILE A 85 1.01 -4.25 -9.54
N MET A 86 0.94 -5.12 -8.53
CA MET A 86 1.32 -6.51 -8.66
C MET A 86 0.45 -7.34 -7.74
N LEU A 87 0.18 -8.56 -8.16
CA LEU A 87 -0.53 -9.56 -7.36
C LEU A 87 0.45 -10.62 -6.89
N ILE A 88 0.27 -11.08 -5.66
CA ILE A 88 1.09 -12.13 -5.08
C ILE A 88 0.16 -13.22 -4.60
N LYS A 89 0.35 -14.44 -5.08
CA LYS A 89 -0.43 -15.57 -4.60
C LYS A 89 0.30 -16.29 -3.48
N LEU A 90 -0.45 -16.66 -2.45
CA LEU A 90 0.11 -17.35 -1.30
C LEU A 90 0.19 -18.85 -1.58
N LYS A 91 1.26 -19.47 -1.11
CA LYS A 91 1.45 -20.91 -1.28
C LYS A 91 0.33 -21.71 -0.64
N SER A 92 -0.22 -21.20 0.46
CA SER A 92 -1.40 -21.79 1.10
C SER A 92 -2.31 -20.67 1.54
N ALA A 93 -3.60 -20.96 1.65
CA ALA A 93 -4.56 -19.94 2.03
C ALA A 93 -4.33 -19.50 3.47
N ALA A 94 -4.40 -18.20 3.69
CA ALA A 94 -4.37 -17.69 5.05
C ALA A 94 -5.65 -18.09 5.77
N SER A 95 -5.53 -18.28 7.09
CA SER A 95 -6.69 -18.51 7.94
C SER A 95 -7.24 -17.16 8.37
N LEU A 96 -8.41 -16.79 7.87
CA LEU A 96 -8.95 -15.48 8.16
C LEU A 96 -9.56 -15.44 9.55
N ASN A 97 -9.26 -14.37 10.29
CA ASN A 97 -9.73 -14.21 11.66
C ASN A 97 -9.76 -12.72 11.97
N SER A 98 -9.94 -12.37 13.24
CA SER A 98 -10.05 -10.96 13.59
C SER A 98 -8.76 -10.18 13.33
N ARG A 99 -7.61 -10.86 13.32
CA ARG A 99 -6.32 -10.20 13.11
C ARG A 99 -5.80 -10.34 11.70
N VAL A 100 -6.41 -11.19 10.89
CA VAL A 100 -6.01 -11.41 9.51
C VAL A 100 -7.28 -11.41 8.67
N ALA A 101 -7.50 -10.32 7.93
CA ALA A 101 -8.77 -10.13 7.24
C ALA A 101 -8.52 -9.49 5.89
N SER A 102 -9.35 -9.85 4.93
CA SER A 102 -9.21 -9.28 3.60
C SER A 102 -9.87 -7.91 3.53
N ILE A 103 -9.40 -7.10 2.58
CA ILE A 103 -10.00 -5.80 2.29
C ILE A 103 -10.65 -5.90 0.91
N SER A 104 -11.85 -5.32 0.80
CA SER A 104 -12.59 -5.36 -0.44
CA SER A 104 -12.58 -5.38 -0.46
CA SER A 104 -12.59 -5.36 -0.44
C SER A 104 -11.99 -4.42 -1.48
N LEU A 105 -12.10 -4.81 -2.74
CA LEU A 105 -11.71 -3.96 -3.84
C LEU A 105 -12.80 -2.92 -4.05
N PRO A 106 -12.45 -1.79 -4.63
CA PRO A 106 -13.45 -0.74 -4.85
C PRO A 106 -14.40 -1.10 -5.98
N THR A 107 -15.62 -0.57 -5.87
CA THR A 107 -16.63 -0.58 -6.93
C THR A 107 -16.58 0.69 -7.77
N SER A 108 -16.23 1.81 -7.15
CA SER A 108 -16.06 3.08 -7.83
C SER A 108 -14.77 3.72 -7.37
N CYS A 109 -14.34 4.73 -8.09
CA CYS A 109 -13.13 5.48 -7.73
C CYS A 109 -13.46 6.52 -6.68
N ALA A 110 -12.65 6.57 -5.62
CA ALA A 110 -12.90 7.51 -4.54
C ALA A 110 -12.64 8.93 -5.01
N SER A 111 -13.33 9.87 -4.38
CA SER A 111 -13.33 11.25 -4.85
C SER A 111 -12.39 12.12 -4.05
N ALA A 112 -11.96 13.22 -4.68
CA ALA A 112 -11.19 14.24 -4.00
C ALA A 112 -11.89 14.66 -2.72
N GLY A 113 -11.10 14.87 -1.67
CA GLY A 113 -11.61 15.25 -0.38
C GLY A 113 -11.90 14.10 0.55
N THR A 114 -12.05 12.88 0.03
CA THR A 114 -12.33 11.74 0.88
C THR A 114 -11.15 11.45 1.80
N GLN A 115 -11.44 11.24 3.08
CA GLN A 115 -10.42 10.88 4.04
C GLN A 115 -10.13 9.39 3.96
N CYS A 116 -8.85 9.04 3.92
CA CYS A 116 -8.40 7.67 3.78
C CYS A 116 -7.36 7.35 4.84
N LEU A 117 -7.08 6.06 5.00
CA LEU A 117 -6.12 5.55 5.97
C LEU A 117 -4.98 4.89 5.22
N ILE A 118 -3.77 5.39 5.45
CA ILE A 118 -2.55 4.88 4.84
C ILE A 118 -1.71 4.29 5.96
N SER A 119 -1.08 3.14 5.73
CA SER A 119 -0.40 2.44 6.81
C SER A 119 0.88 1.77 6.31
N GLY A 120 1.82 1.57 7.24
CA GLY A 120 3.03 0.83 6.91
C GLY A 120 4.09 0.94 7.97
N TRP A 121 5.19 0.23 7.71
CA TRP A 121 6.37 0.18 8.56
C TRP A 121 7.53 0.97 7.96
N GLY A 122 7.24 1.92 7.07
CA GLY A 122 8.30 2.70 6.47
C GLY A 122 8.91 3.74 7.42
N ASN A 123 9.91 4.43 6.88
CA ASN A 123 10.63 5.50 7.57
C ASN A 123 9.65 6.49 8.17
N THR A 124 9.92 6.93 9.40
CA THR A 124 9.09 7.92 10.08
C THR A 124 9.68 9.33 10.05
N LYS A 125 10.78 9.54 9.32
CA LYS A 125 11.42 10.85 9.27
C LYS A 125 11.43 11.39 7.84
N SER A 126 11.21 12.70 7.71
CA SER A 126 11.28 13.36 6.40
C SER A 126 12.69 13.79 6.06
N SER A 127 13.57 13.89 7.05
CA SER A 127 15.00 14.05 6.87
C SER A 127 15.67 13.07 7.82
N GLY A 128 16.62 12.30 7.31
CA GLY A 128 17.19 11.23 8.09
C GLY A 128 16.33 9.98 7.98
N THR A 129 16.66 8.99 8.82
CA THR A 129 15.98 7.71 8.76
C THR A 129 15.74 7.16 10.16
N SER A 130 14.53 6.65 10.38
CA SER A 130 14.20 5.90 11.58
C SER A 130 13.07 4.96 11.20
N TYR A 131 13.25 3.68 11.52
CA TYR A 131 12.29 2.68 11.08
C TYR A 131 11.58 2.07 12.26
N PRO A 132 10.25 2.11 12.27
CA PRO A 132 9.50 1.64 13.43
C PRO A 132 9.36 0.13 13.43
N ASP A 133 9.07 -0.39 14.62
CA ASP A 133 8.75 -1.80 14.76
C ASP A 133 7.26 -2.06 14.62
N VAL A 134 6.41 -1.17 15.13
CA VAL A 134 4.97 -1.37 15.13
C VAL A 134 4.36 -0.59 13.98
N LEU A 135 3.17 -1.03 13.55
CA LEU A 135 2.57 -0.47 12.36
C LEU A 135 2.13 0.97 12.60
N LYS A 136 2.44 1.86 11.66
N LYS A 136 2.43 1.84 11.64
CA LYS A 136 2.09 3.26 11.71
CA LYS A 136 2.09 3.25 11.71
C LYS A 136 0.95 3.55 10.73
C LYS A 136 0.97 3.57 10.72
N CYS A 137 0.19 4.58 11.05
CA CYS A 137 -1.01 4.96 10.32
C CYS A 137 -0.99 6.46 10.07
N LEU A 138 -1.65 6.87 9.00
CA LEU A 138 -1.82 8.27 8.64
C LEU A 138 -3.19 8.46 8.03
N LYS A 139 -3.95 9.41 8.55
CA LYS A 139 -5.18 9.83 7.89
C LYS A 139 -4.85 10.94 6.91
N ALA A 140 -5.30 10.80 5.67
CA ALA A 140 -4.93 11.71 4.63
C ALA A 140 -6.05 11.81 3.63
N PRO A 141 -6.33 13.01 3.12
CA PRO A 141 -7.38 13.16 2.11
C PRO A 141 -6.83 12.98 0.70
N ILE A 142 -7.70 12.49 -0.17
CA ILE A 142 -7.41 12.48 -1.60
C ILE A 142 -7.38 13.92 -2.10
N LEU A 143 -6.39 14.25 -2.92
CA LEU A 143 -6.27 15.59 -3.47
C LEU A 143 -6.87 15.64 -4.86
N SER A 144 -7.31 16.84 -5.26
CA SER A 144 -7.84 17.03 -6.59
C SER A 144 -6.78 16.68 -7.63
N ASP A 145 -7.23 16.23 -8.80
CA ASP A 145 -6.25 15.89 -9.82
C ASP A 145 -5.54 17.14 -10.34
N SER A 146 -6.20 18.30 -10.32
CA SER A 146 -5.51 19.53 -10.70
C SER A 146 -4.38 19.86 -9.72
N SER A 147 -4.61 19.71 -8.43
N SER A 147 -4.62 19.72 -8.42
CA SER A 147 -3.53 19.98 -7.47
CA SER A 147 -3.56 19.95 -7.45
C SER A 147 -2.44 18.92 -7.58
C SER A 147 -2.45 18.93 -7.60
N CYS A 148 -2.80 17.67 -7.86
CA CYS A 148 -1.82 16.62 -8.03
C CYS A 148 -0.91 16.91 -9.22
N LYS A 149 -1.51 17.27 -10.36
CA LYS A 149 -0.74 17.58 -11.55
C LYS A 149 0.11 18.84 -11.36
N SER A 150 -0.39 19.82 -10.62
CA SER A 150 0.41 21.01 -10.33
C SER A 150 1.64 20.65 -9.51
N ALA A 151 1.50 19.70 -8.58
CA ALA A 151 2.64 19.30 -7.75
C ALA A 151 3.66 18.51 -8.55
N TYR A 152 3.22 17.74 -9.54
CA TYR A 152 4.10 16.85 -10.31
C TYR A 152 3.83 17.03 -11.80
N PRO A 153 4.13 18.22 -12.34
CA PRO A 153 3.82 18.47 -13.76
C PRO A 153 4.48 17.44 -14.67
N GLY A 154 3.71 16.96 -15.64
CA GLY A 154 4.21 15.99 -16.61
C GLY A 154 4.35 14.57 -16.12
N GLN A 155 3.91 14.25 -14.89
CA GLN A 155 4.19 12.94 -14.32
C GLN A 155 2.99 12.14 -13.84
N ILE A 156 1.81 12.75 -13.70
CA ILE A 156 0.66 12.07 -13.14
C ILE A 156 -0.15 11.50 -14.29
N THR A 157 -0.31 10.19 -14.32
CA THR A 157 -1.14 9.53 -15.32
C THR A 157 -2.52 9.29 -14.75
N SER A 158 -3.42 8.83 -15.62
CA SER A 158 -4.76 8.48 -15.20
C SER A 158 -4.78 7.30 -14.23
N ASN A 159 -3.65 6.62 -14.03
CA ASN A 159 -3.56 5.49 -13.10
C ASN A 159 -2.97 5.88 -11.75
N MET A 160 -2.95 7.18 -11.44
CA MET A 160 -2.32 7.68 -10.23
C MET A 160 -3.22 8.73 -9.58
N PHE A 161 -3.13 8.85 -8.27
CA PHE A 161 -3.74 9.98 -7.57
C PHE A 161 -2.83 10.39 -6.43
N CYS A 162 -3.02 11.64 -5.98
CA CYS A 162 -2.28 12.16 -4.85
C CYS A 162 -3.16 12.15 -3.62
N ALA A 163 -2.55 11.90 -2.47
CA ALA A 163 -3.24 11.99 -1.20
C ALA A 163 -2.23 12.52 -0.19
N GLY A 164 -2.72 13.28 0.78
CA GLY A 164 -1.85 13.84 1.78
C GLY A 164 -2.01 15.33 1.93
N TYR A 165 -0.90 16.05 2.04
CA TYR A 165 -0.90 17.43 2.51
C TYR A 165 0.15 18.22 1.75
N LEU A 166 -0.29 19.32 1.13
CA LEU A 166 0.66 20.16 0.39
C LEU A 166 1.61 20.90 1.32
N GLU A 167 1.26 21.08 2.58
CA GLU A 167 2.14 21.76 3.52
C GLU A 167 3.27 20.87 4.00
N GLY A 168 3.26 19.58 3.66
CA GLY A 168 4.28 18.67 4.11
C GLY A 168 4.13 18.27 5.56
N GLY A 169 5.02 17.40 6.01
CA GLY A 169 5.02 16.92 7.37
C GLY A 169 4.28 15.60 7.61
N LYS A 170 3.40 15.20 6.70
CA LYS A 170 2.59 13.99 6.87
C LYS A 170 2.53 13.27 5.53
N ASP A 171 3.06 12.05 5.47
CA ASP A 171 3.19 11.37 4.18
C ASP A 171 3.58 9.93 4.42
N SER A 172 3.41 9.10 3.40
CA SER A 172 4.09 7.80 3.37
C SER A 172 5.54 7.98 2.96
N CYS A 173 6.36 6.97 3.22
CA CYS A 173 7.80 7.14 3.00
C CYS A 173 8.42 5.79 2.62
N GLN A 174 9.75 5.77 2.55
CA GLN A 174 10.48 4.58 2.12
C GLN A 174 10.15 3.40 3.04
N GLY A 175 9.81 2.27 2.44
CA GLY A 175 9.39 1.10 3.19
C GLY A 175 7.88 0.97 3.35
N ASP A 176 7.12 2.03 3.07
CA ASP A 176 5.67 1.94 3.01
C ASP A 176 5.19 1.45 1.66
N SER A 177 6.07 1.50 0.65
CA SER A 177 5.83 1.04 -0.72
C SER A 177 4.96 -0.20 -0.73
N GLY A 178 3.95 -0.20 -1.59
CA GLY A 178 3.10 -1.35 -1.78
C GLY A 178 1.94 -1.44 -0.82
N GLY A 179 1.94 -0.64 0.25
CA GLY A 179 0.89 -0.73 1.24
C GLY A 179 -0.38 -0.02 0.84
N PRO A 180 -1.38 -0.14 1.70
CA PRO A 180 -2.75 0.29 1.37
C PRO A 180 -3.05 1.75 1.64
N VAL A 181 -3.93 2.28 0.78
CA VAL A 181 -4.71 3.48 1.02
C VAL A 181 -6.16 3.03 1.02
N VAL A 182 -6.82 3.12 2.18
CA VAL A 182 -8.18 2.60 2.34
C VAL A 182 -9.14 3.75 2.59
N CYS A 183 -10.22 3.79 1.83
CA CYS A 183 -11.23 4.82 1.97
C CYS A 183 -12.58 4.14 1.97
N SER A 184 -13.44 4.50 2.93
CA SER A 184 -14.75 3.88 3.05
C SER A 184 -14.64 2.35 3.04
N GLY A 185 -13.61 1.83 3.69
CA GLY A 185 -13.46 0.39 3.84
C GLY A 185 -13.09 -0.34 2.57
N LYS A 186 -12.57 0.35 1.57
CA LYS A 186 -12.17 -0.26 0.30
C LYS A 186 -10.74 0.14 -0.03
N LEU A 187 -10.03 -0.75 -0.74
CA LEU A 187 -8.66 -0.50 -1.15
C LEU A 187 -8.67 0.41 -2.38
N GLN A 188 -8.42 1.70 -2.17
CA GLN A 188 -8.40 2.66 -3.26
C GLN A 188 -7.01 2.97 -3.80
N GLY A 189 -5.95 2.80 -3.00
CA GLY A 189 -4.63 3.17 -3.43
C GLY A 189 -3.56 2.20 -2.95
N ILE A 190 -2.41 2.28 -3.62
CA ILE A 190 -1.20 1.55 -3.25
C ILE A 190 -0.09 2.58 -3.15
N VAL A 191 0.69 2.53 -2.06
CA VAL A 191 1.82 3.44 -1.91
C VAL A 191 2.77 3.24 -3.08
N SER A 192 2.94 4.28 -3.90
CA SER A 192 3.69 4.15 -5.15
C SER A 192 4.95 5.03 -5.19
N TRP A 193 4.83 6.34 -5.15
CA TRP A 193 6.02 7.18 -5.29
C TRP A 193 5.72 8.58 -4.79
N GLY A 194 6.75 9.42 -4.85
CA GLY A 194 6.65 10.83 -4.55
C GLY A 194 8.00 11.48 -4.78
N SER A 195 8.16 12.69 -4.32
CA SER A 195 9.47 13.34 -4.28
C SER A 195 9.87 13.41 -2.80
N GLY A 196 10.72 12.50 -2.38
CA GLY A 196 10.97 12.38 -0.95
C GLY A 196 9.70 12.05 -0.19
N CYS A 197 9.68 12.44 1.08
CA CYS A 197 8.58 12.16 1.98
C CYS A 197 8.24 13.42 2.75
N ALA A 198 6.95 13.77 2.78
CA ALA A 198 6.46 14.85 3.61
C ALA A 198 7.08 16.20 3.27
N GLN A 199 7.56 16.37 2.04
CA GLN A 199 8.09 17.63 1.59
C GLN A 199 6.95 18.56 1.16
N LYS A 200 7.16 19.85 1.36
CA LYS A 200 6.18 20.84 0.93
C LYS A 200 5.91 20.71 -0.56
N ASN A 201 4.62 20.73 -0.92
CA ASN A 201 4.15 20.72 -2.30
C ASN A 201 4.47 19.43 -3.04
N LYS A 202 4.78 18.37 -2.31
CA LYS A 202 5.10 17.07 -2.90
C LYS A 202 4.36 15.98 -2.14
N PRO A 203 3.04 15.91 -2.32
CA PRO A 203 2.26 14.88 -1.64
C PRO A 203 2.55 13.51 -2.21
N GLY A 204 2.18 12.48 -1.45
CA GLY A 204 2.36 11.13 -1.94
C GLY A 204 1.51 10.83 -3.15
N VAL A 205 2.06 9.99 -4.05
CA VAL A 205 1.36 9.52 -5.24
C VAL A 205 1.08 8.03 -5.07
N TYR A 206 -0.11 7.62 -5.49
CA TYR A 206 -0.68 6.32 -5.20
C TYR A 206 -1.26 5.70 -6.46
N THR A 207 -1.12 4.38 -6.58
CA THR A 207 -1.72 3.67 -7.71
C THR A 207 -3.23 3.68 -7.55
N LYS A 208 -3.94 4.01 -8.64
N LYS A 208 -3.94 3.99 -8.64
CA LYS A 208 -5.39 4.16 -8.59
CA LYS A 208 -5.40 4.15 -8.62
C LYS A 208 -6.03 2.79 -8.80
C LYS A 208 -6.03 2.77 -8.80
N VAL A 209 -6.30 2.10 -7.67
CA VAL A 209 -6.72 0.70 -7.71
C VAL A 209 -8.01 0.49 -8.48
N CYS A 210 -8.93 1.46 -8.45
CA CYS A 210 -10.21 1.24 -9.13
C CYS A 210 -10.03 0.94 -10.61
N ASN A 211 -8.94 1.40 -11.23
CA ASN A 211 -8.70 1.12 -12.64
C ASN A 211 -8.30 -0.31 -12.91
N TYR A 212 -7.98 -1.09 -11.88
CA TYR A 212 -7.40 -2.42 -12.01
C TYR A 212 -8.32 -3.53 -11.54
N VAL A 213 -9.55 -3.21 -11.15
CA VAL A 213 -10.41 -4.23 -10.55
C VAL A 213 -10.69 -5.35 -11.54
N SER A 214 -10.92 -5.02 -12.82
CA SER A 214 -11.21 -6.08 -13.79
C SER A 214 -9.99 -6.99 -13.99
N TRP A 215 -8.80 -6.38 -14.10
CA TRP A 215 -7.59 -7.18 -14.22
C TRP A 215 -7.38 -8.06 -12.99
N ILE A 216 -7.59 -7.50 -11.80
CA ILE A 216 -7.40 -8.30 -10.58
C ILE A 216 -8.37 -9.47 -10.58
N LYS A 217 -9.66 -9.20 -10.83
CA LYS A 217 -10.66 -10.25 -10.73
C LYS A 217 -10.42 -11.34 -11.76
N GLN A 218 -10.06 -10.96 -12.99
CA GLN A 218 -9.82 -11.98 -14.01
C GLN A 218 -8.56 -12.77 -13.70
N THR A 219 -7.52 -12.09 -13.20
CA THR A 219 -6.28 -12.79 -12.90
C THR A 219 -6.46 -13.79 -11.77
N ILE A 220 -7.16 -13.41 -10.70
CA ILE A 220 -7.33 -14.34 -9.59
C ILE A 220 -8.33 -15.45 -9.90
N ALA A 221 -9.18 -15.27 -10.91
CA ALA A 221 -10.07 -16.35 -11.33
C ALA A 221 -9.37 -17.37 -12.21
N SER A 222 -8.12 -17.13 -12.61
CA SER A 222 -7.41 -17.98 -13.55
C SER A 222 -6.05 -18.42 -13.06
N ASN A 223 -5.70 -18.14 -11.81
CA ASN A 223 -4.39 -18.46 -11.25
C ASN A 223 -4.54 -18.87 -9.80
CA CA B . 5.38 -9.82 14.82
N1 F5X C . 8.86 4.84 -2.52
C4 F5X C . 9.74 5.68 -1.91
C5 F5X C . 8.99 6.63 -1.19
C6 F5X C . 9.66 7.61 -0.45
C7 F5X C . 11.04 7.63 -0.45
C8 F5X C . 7.60 6.32 -1.41
C10 F5X C . 6.42 7.05 -0.85
C1 F5X C . 13.94 5.92 -1.85
C11 F5X C . 6.48 8.56 -1.01
C2 F5X C . 11.77 6.68 -1.18
C3 F5X C . 11.15 5.69 -1.91
C9 F5X C . 7.58 5.23 -2.23
N2 F5X C . 5.23 9.18 -0.55
O1 F5X C . 13.14 6.82 -1.10
H8 F5X C . 9.07 4.15 -3.04
H5 F5X C . 9.19 8.26 0.04
H6 F5X C . 11.49 8.29 0.05
H9 F5X C . 6.35 6.84 0.11
H10 F5X C . 5.61 6.73 -1.29
H3 F5X C . 13.74 6.02 -2.80
H1 F5X C . 13.76 5.01 -1.58
H2 F5X C . 14.89 6.12 -1.70
H11 F5X C . 6.64 8.78 -1.95
H12 F5X C . 7.23 8.92 -0.48
H4 F5X C . 11.64 5.04 -2.40
H7 F5X C . 6.80 4.80 -2.54
H14 F5X C . 4.56 8.96 -1.10
H15 F5X C . 5.00 8.89 0.25
S DMS D . -16.85 1.88 -3.17
O DMS D . -17.81 2.64 -4.01
C1 DMS D . -15.25 1.84 -3.99
C2 DMS D . -16.47 2.87 -1.70
H11 DMS D . -14.88 2.83 -4.09
H12 DMS D . -15.34 1.40 -4.95
H13 DMS D . -14.56 1.27 -3.41
H21 DMS D . -15.98 2.27 -0.98
H22 DMS D . -17.37 3.25 -1.29
H23 DMS D . -15.85 3.68 -1.97
S DMS E . 10.54 0.52 -18.58
O DMS E . 11.77 -0.22 -18.16
C1 DMS E . 9.19 -0.66 -18.66
C2 DMS E . 10.68 0.91 -20.34
H11 DMS E . 8.28 -0.15 -18.80
H12 DMS E . 9.15 -1.22 -17.75
H13 DMS E . 9.35 -1.33 -19.47
H21 DMS E . 9.87 1.53 -20.63
H22 DMS E . 10.65 0.02 -20.90
H23 DMS E . 11.59 1.41 -20.52
S DMS F . 10.34 -11.74 14.10
O DMS F . 11.05 -12.84 14.81
C1 DMS F . 11.51 -11.05 12.88
C2 DMS F . 9.09 -12.44 13.07
H11 DMS F . 11.38 -11.55 11.96
H12 DMS F . 12.49 -11.20 13.23
H13 DMS F . 11.33 -10.02 12.76
H21 DMS F . 8.69 -11.69 12.44
H22 DMS F . 8.32 -12.84 13.68
H23 DMS F . 9.50 -13.22 12.48
#